data_3BIU
#
_entry.id   3BIU
#
_cell.length_a   70.7
_cell.length_b   71.5
_cell.length_c   72.8
_cell.angle_alpha   90.0
_cell.angle_beta   100.9
_cell.angle_gamma   90.0
#
_symmetry.space_group_name_H-M   'C 1 2 1'
#
loop_
_entity.id
_entity.type
_entity.pdbx_description
1 polymer 'Thrombin light chain'
2 polymer 'Thrombin heavy chain'
3 polymer Hirudin
4 non-polymer 2-acetamido-2-deoxy-beta-D-glucopyranose
5 non-polymer 'SODIUM ION'
6 non-polymer (S)-N-(4-carbamimidoylbenzyl)-1-(2-(cyclopentylamino)ethanoyl)pyrrolidine-2-carboxamide
7 water water
#
loop_
_entity_poly.entity_id
_entity_poly.type
_entity_poly.pdbx_seq_one_letter_code
_entity_poly.pdbx_strand_id
1 'polypeptide(L)' EADCGLRPLFEKKSLEDKTERELLESYID L
2 'polypeptide(L)'
;IVEGSDAEIGMSPWQVMLFRKSPQELLCGASLISDRWVLTAAHCLLYPPWDKNFTENDLLVRIGKHSRTRYERNIEKISM
LEKIYIHPRYNWRENLDRDIALMKLKKPVAFSDYIHPVCLPDRETAASLLQAGYKGRVTGWGNLKETWTANVGKGQPSVL
QVVNLPIVERPVCKDSTRIRITDNMFCAGYKPDEGKRGDACEGDSGGPFVMKSPFNNRWYQMGIVSWGEGCDRDGKYGFY
THVFRLKKWIQKVIDQF
;
H
3 'polypeptide(L)' NGDFEEIPEE(TYS)L I
#
# COMPACT_ATOMS: atom_id res chain seq x y z
N ALA A 2 0.39 -17.91 -4.58
CA ALA A 2 -0.10 -19.25 -4.91
C ALA A 2 -1.00 -19.76 -3.79
N ASP A 3 -0.86 -19.05 -2.67
CA ASP A 3 -1.71 -19.10 -1.49
C ASP A 3 -2.00 -17.63 -1.15
N CYS A 4 -1.49 -16.82 -2.08
CA CYS A 4 -1.49 -15.38 -1.89
C CYS A 4 -2.91 -14.86 -1.92
N GLY A 5 -3.18 -13.73 -1.27
CA GLY A 5 -4.47 -13.08 -1.44
C GLY A 5 -5.63 -13.81 -0.77
N LEU A 6 -5.34 -14.89 -0.06
CA LEU A 6 -6.30 -15.64 0.73
C LEU A 6 -6.01 -15.44 2.21
N ARG A 7 -6.87 -14.70 2.89
CA ARG A 7 -6.63 -14.29 4.26
C ARG A 7 -7.23 -15.32 5.24
N PRO A 8 -6.37 -15.77 6.13
CA PRO A 8 -6.71 -16.75 7.16
C PRO A 8 -8.02 -16.48 7.87
N LEU A 9 -8.25 -15.23 8.26
CA LEU A 9 -9.39 -14.94 9.12
C LEU A 9 -10.62 -14.58 8.33
N PHE A 10 -10.47 -14.68 7.00
CA PHE A 10 -11.60 -14.35 6.13
C PHE A 10 -11.78 -15.40 5.05
N GLU A 11 -11.14 -15.26 3.88
CA GLU A 11 -11.31 -16.24 2.81
C GLU A 11 -10.99 -17.66 3.24
N LYS A 12 -9.94 -17.86 4.04
CA LYS A 12 -9.64 -19.25 4.42
C LYS A 12 -10.81 -19.89 5.17
N LYS A 13 -11.57 -19.14 5.95
CA LYS A 13 -12.72 -19.65 6.67
C LYS A 13 -14.06 -19.27 6.04
N SER A 14 -14.06 -18.75 4.81
CA SER A 14 -15.32 -18.35 4.19
C SER A 14 -16.04 -17.28 5.01
N LEU A 15 -15.25 -16.36 5.58
CA LEU A 15 -15.95 -15.24 6.21
C LEU A 15 -15.71 -13.99 5.36
N GLU A 16 -16.65 -13.06 5.37
CA GLU A 16 -16.43 -11.82 4.64
C GLU A 16 -16.21 -10.66 5.61
N ASP A 17 -15.44 -9.67 5.18
CA ASP A 17 -15.26 -8.44 5.95
C ASP A 17 -16.41 -7.49 5.59
N LYS A 18 -16.61 -6.47 6.38
CA LYS A 18 -17.77 -5.60 6.30
C LYS A 18 -17.84 -4.81 5.01
N THR A 19 -16.80 -4.66 4.19
CA THR A 19 -17.05 -3.76 3.05
C THR A 19 -16.61 -4.34 1.72
N GLU A 20 -16.24 -5.62 1.71
CA GLU A 20 -15.75 -6.23 0.46
C GLU A 20 -16.86 -6.32 -0.57
N ARG A 21 -18.09 -6.54 -0.12
CA ARG A 21 -19.19 -6.62 -1.08
C ARG A 21 -19.33 -5.31 -1.85
N GLU A 22 -18.99 -4.18 -1.23
CA GLU A 22 -19.01 -2.90 -1.94
C GLU A 22 -18.03 -2.91 -3.11
N LEU A 23 -16.89 -3.57 -2.96
CA LEU A 23 -15.98 -3.73 -4.09
C LEU A 23 -16.61 -4.61 -5.16
N LEU A 24 -17.19 -5.71 -4.69
CA LEU A 24 -17.80 -6.64 -5.63
C LEU A 24 -18.88 -5.97 -6.46
N GLU A 25 -19.69 -5.12 -5.84
CA GLU A 25 -20.81 -4.52 -6.58
C GLU A 25 -20.32 -3.51 -7.60
N SER A 26 -19.11 -3.00 -7.41
CA SER A 26 -18.51 -2.08 -8.37
C SER A 26 -17.91 -2.80 -9.58
N TYR A 27 -17.64 -4.10 -9.43
CA TYR A 27 -17.07 -4.86 -10.53
C TYR A 27 -18.18 -5.36 -11.43
N ILE A 28 -18.78 -4.54 -12.26
CA ILE A 28 -20.01 -5.03 -12.91
C ILE A 28 -19.79 -5.89 -14.15
N ASP A 29 -18.56 -6.25 -14.53
CA ASP A 29 -18.34 -7.01 -15.75
C ASP A 29 -18.24 -8.52 -15.52
N ILE B 1 -4.93 7.79 6.22
CA ILE B 1 -6.18 7.70 5.49
C ILE B 1 -7.20 8.71 5.98
N VAL B 2 -7.75 9.50 5.07
CA VAL B 2 -8.79 10.44 5.44
C VAL B 2 -10.19 9.96 5.05
N GLU B 3 -11.09 10.01 6.03
CA GLU B 3 -12.48 9.62 5.84
C GLU B 3 -12.58 8.13 5.53
N GLY B 4 -11.77 7.35 6.24
CA GLY B 4 -11.86 5.89 6.09
C GLY B 4 -12.40 5.33 7.41
N SER B 5 -12.14 4.06 7.69
CA SER B 5 -12.62 3.46 8.93
C SER B 5 -11.52 2.58 9.55
N ASP B 6 -11.74 2.21 10.80
CA ASP B 6 -10.86 1.26 11.46
C ASP B 6 -10.91 -0.07 10.70
N ALA B 7 -9.75 -0.60 10.34
CA ALA B 7 -9.73 -1.93 9.73
C ALA B 7 -10.21 -2.97 10.73
N GLU B 8 -10.50 -4.18 10.26
CA GLU B 8 -10.81 -5.31 11.12
C GLU B 8 -9.55 -6.14 11.38
N ILE B 9 -9.58 -6.92 12.45
CA ILE B 9 -8.45 -7.82 12.70
C ILE B 9 -8.24 -8.76 11.52
N GLY B 10 -7.03 -8.74 10.98
CA GLY B 10 -6.59 -9.59 9.90
C GLY B 10 -7.21 -9.27 8.56
N MET B 11 -7.77 -8.07 8.40
CA MET B 11 -8.40 -7.67 7.16
C MET B 11 -7.37 -7.37 6.08
N SER B 12 -6.17 -6.96 6.48
CA SER B 12 -5.07 -6.63 5.57
C SER B 12 -3.75 -7.24 6.06
N PRO B 13 -3.67 -8.56 5.97
CA PRO B 13 -2.55 -9.29 6.54
C PRO B 13 -1.25 -9.09 5.76
N TRP B 14 -1.31 -8.39 4.63
CA TRP B 14 -0.11 -8.10 3.85
C TRP B 14 0.51 -6.77 4.27
N GLN B 15 -0.22 -6.09 5.14
CA GLN B 15 0.11 -4.73 5.54
C GLN B 15 1.43 -4.66 6.30
N VAL B 16 2.30 -3.79 5.81
CA VAL B 16 3.62 -3.67 6.44
C VAL B 16 3.87 -2.24 6.89
N MET B 17 4.45 -2.08 8.08
CA MET B 17 4.82 -0.77 8.59
C MET B 17 6.31 -0.53 8.38
N LEU B 18 6.62 0.52 7.61
CA LEU B 18 8.03 0.93 7.52
C LEU B 18 8.38 1.74 8.77
N PHE B 19 9.30 1.22 9.56
CA PHE B 19 9.51 1.90 10.84
C PHE B 19 10.93 2.44 10.94
N ARG B 20 11.04 3.65 11.46
CA ARG B 20 12.35 4.29 11.68
C ARG B 20 12.86 3.96 13.09
N LYS B 21 14.10 3.53 13.16
CA LYS B 21 14.84 3.07 14.33
C LYS B 21 15.08 4.18 15.36
N SER B 22 15.75 5.23 14.92
CA SER B 22 16.03 6.40 15.74
C SER B 22 15.98 7.68 14.91
N PRO B 23 15.01 8.56 15.15
CA PRO B 23 14.00 8.36 16.18
C PRO B 23 12.89 7.40 15.72
N GLN B 24 12.45 6.58 16.68
CA GLN B 24 11.39 5.60 16.47
C GLN B 24 10.14 6.32 15.95
N GLU B 25 9.86 6.13 14.67
CA GLU B 25 8.69 6.75 14.08
C GLU B 25 8.21 5.96 12.87
N LEU B 26 6.97 6.20 12.46
CA LEU B 26 6.47 5.53 11.25
C LEU B 26 7.17 6.18 10.06
N LEU B 27 7.68 5.38 9.12
CA LEU B 27 8.31 5.94 7.94
C LEU B 27 7.36 5.99 6.76
N CYS B 28 6.51 4.97 6.69
CA CYS B 28 5.73 4.68 5.50
C CYS B 28 5.02 3.34 5.65
N GLY B 29 4.14 3.09 4.69
CA GLY B 29 3.48 1.78 4.59
C GLY B 29 4.21 1.01 3.49
N ALA B 30 3.78 -0.21 3.29
CA ALA B 30 4.40 -1.20 2.43
C ALA B 30 3.54 -2.46 2.45
N SER B 31 3.89 -3.43 1.62
CA SER B 31 3.13 -4.68 1.54
C SER B 31 4.06 -5.88 1.50
N LEU B 32 3.53 -7.00 1.98
CA LEU B 32 4.27 -8.25 1.99
C LEU B 32 3.87 -9.08 0.78
N ILE B 33 4.82 -9.42 -0.08
CA ILE B 33 4.48 -10.14 -1.31
C ILE B 33 5.09 -11.53 -1.34
N SER B 34 5.92 -11.90 -0.38
CA SER B 34 6.45 -13.25 -0.21
C SER B 34 7.04 -13.29 1.19
N ASP B 35 7.60 -14.41 1.63
CA ASP B 35 8.06 -14.38 3.03
C ASP B 35 9.41 -13.68 3.14
N ARG B 36 9.98 -13.31 1.99
CA ARG B 36 11.26 -12.59 1.99
C ARG B 36 11.18 -11.26 1.25
N TRP B 37 10.05 -10.88 0.68
CA TRP B 37 10.04 -9.61 -0.07
C TRP B 37 8.85 -8.72 0.30
N VAL B 38 9.21 -7.44 0.48
CA VAL B 38 8.31 -6.36 0.82
C VAL B 38 8.36 -5.23 -0.21
N LEU B 39 7.22 -4.76 -0.66
CA LEU B 39 7.04 -3.72 -1.66
C LEU B 39 6.55 -2.41 -1.04
N THR B 40 7.05 -1.30 -1.59
CA THR B 40 6.70 0.03 -1.10
C THR B 40 6.97 1.06 -2.19
N ALA B 41 6.86 2.35 -1.87
CA ALA B 41 7.16 3.41 -2.83
C ALA B 41 8.62 3.81 -2.76
N ALA B 42 9.20 4.14 -3.90
CA ALA B 42 10.60 4.53 -3.93
C ALA B 42 10.83 5.78 -3.08
N HIS B 43 9.93 6.74 -3.16
CA HIS B 43 10.05 7.96 -2.36
C HIS B 43 10.11 7.65 -0.86
N CYS B 44 9.70 6.47 -0.40
CA CYS B 44 9.79 6.24 1.04
C CYS B 44 11.24 6.16 1.50
N LEU B 45 12.12 5.82 0.57
CA LEU B 45 13.54 5.65 0.87
C LEU B 45 14.39 6.74 0.24
N LEU B 46 14.04 7.15 -0.97
CA LEU B 46 14.84 8.14 -1.69
C LEU B 46 14.04 9.35 -2.15
N TYR B 47 14.30 10.50 -1.55
CA TYR B 47 13.67 11.73 -2.00
C TYR B 47 14.57 12.95 -1.73
N PRO B 48 15.54 13.10 -2.61
CA PRO B 48 16.55 14.16 -2.48
C PRO B 48 15.96 15.54 -2.15
N PRO B 49 14.89 16.01 -2.77
CA PRO B 49 14.33 17.31 -2.38
C PRO B 49 14.12 17.48 -0.89
N TRP B 50 13.90 16.39 -0.17
CA TRP B 50 13.66 16.52 1.27
C TRP B 50 14.84 16.03 2.09
N ASP B 51 15.88 15.59 1.38
CA ASP B 51 17.06 15.02 2.00
C ASP B 51 16.75 13.63 2.56
N LYS B 52 15.86 12.91 1.88
CA LYS B 52 15.53 11.53 2.24
C LYS B 52 16.36 10.54 1.43
N ASN B 53 17.14 9.74 2.15
CA ASN B 53 18.02 8.72 1.61
C ASN B 53 18.35 7.66 2.65
N PHE B 54 17.42 6.76 2.96
CA PHE B 54 17.62 5.74 3.97
C PHE B 54 18.32 4.49 3.43
N THR B 55 19.20 3.91 4.25
CA THR B 55 19.73 2.59 3.86
C THR B 55 19.16 1.52 4.79
N GLU B 56 19.52 0.29 4.51
CA GLU B 56 19.02 -0.87 5.23
C GLU B 56 19.07 -0.70 6.74
N ASN B 57 20.16 -0.17 7.27
CA ASN B 57 20.27 -0.17 8.73
C ASN B 57 19.46 0.93 9.38
N ASP B 58 18.89 1.83 8.60
CA ASP B 58 18.09 2.92 9.15
C ASP B 58 16.72 2.50 9.61
N LEU B 59 16.29 1.30 9.21
CA LEU B 59 14.90 0.95 9.49
C LEU B 59 14.62 -0.54 9.65
N LEU B 60 13.40 -0.79 10.13
CA LEU B 60 12.81 -2.09 10.37
C LEU B 60 11.48 -2.23 9.63
N VAL B 61 11.09 -3.45 9.27
CA VAL B 61 9.73 -3.63 8.76
C VAL B 61 8.93 -4.40 9.81
N ARG B 62 7.73 -3.93 10.08
CA ARG B 62 6.88 -4.49 11.13
C ARG B 62 5.60 -5.05 10.51
N ILE B 63 5.41 -6.35 10.68
CA ILE B 63 4.38 -7.09 9.99
C ILE B 63 3.42 -7.74 10.98
N GLY B 64 2.16 -7.86 10.56
CA GLY B 64 1.10 -8.35 11.42
C GLY B 64 0.53 -7.27 12.33
N LYS B 65 0.81 -6.01 12.03
CA LYS B 65 0.35 -4.95 12.93
C LYS B 65 -1.11 -4.55 12.75
N HIS B 66 -1.62 -3.94 13.81
CA HIS B 66 -2.96 -3.38 13.81
C HIS B 66 -2.95 -1.99 14.45
N SER B 67 -2.53 -1.95 15.71
CA SER B 67 -2.40 -0.64 16.37
C SER B 67 -1.16 0.07 15.84
N ARG B 68 -1.23 1.39 15.69
CA ARG B 68 -0.12 2.19 15.22
C ARG B 68 1.12 2.16 16.11
N THR B 69 1.00 2.56 17.36
CA THR B 69 2.09 2.79 18.29
C THR B 69 2.48 1.59 19.15
N ARG B 70 1.50 0.85 19.63
CA ARG B 70 1.77 -0.26 20.55
C ARG B 70 2.71 -1.29 19.95
N TYR B 71 3.47 -1.96 20.83
CA TYR B 71 4.26 -3.09 20.39
C TYR B 71 3.42 -4.37 20.57
N GLU B 72 2.93 -4.89 19.44
CA GLU B 72 1.92 -5.95 19.52
C GLU B 72 2.55 -7.32 19.74
N ARG B 73 2.77 -7.57 21.02
CA ARG B 73 3.44 -8.75 21.56
C ARG B 73 2.71 -10.03 21.17
N ASN B 74 3.45 -10.98 20.61
CA ASN B 74 2.95 -12.25 20.14
C ASN B 74 2.09 -12.09 18.89
N ILE B 75 2.16 -10.92 18.25
CA ILE B 75 1.32 -10.77 17.05
C ILE B 75 2.17 -10.32 15.88
N GLU B 76 2.75 -9.12 15.97
CA GLU B 76 3.65 -8.67 14.91
C GLU B 76 4.99 -9.40 14.92
N LYS B 77 5.64 -9.33 13.76
CA LYS B 77 7.03 -9.72 13.58
C LYS B 77 7.83 -8.50 13.13
N ILE B 78 9.01 -8.28 13.70
CA ILE B 78 9.84 -7.14 13.29
C ILE B 78 11.07 -7.64 12.53
N SER B 79 11.20 -7.27 11.26
CA SER B 79 12.28 -7.81 10.43
C SER B 79 13.28 -6.73 10.00
N MET B 80 14.48 -7.22 9.76
CA MET B 80 15.62 -6.40 9.40
C MET B 80 15.83 -6.41 7.89
N LEU B 81 16.36 -5.32 7.34
CA LEU B 81 16.55 -5.28 5.90
C LEU B 81 17.94 -5.82 5.54
N GLU B 82 17.96 -6.72 4.56
CA GLU B 82 19.23 -7.13 4.00
C GLU B 82 19.63 -6.17 2.88
N LYS B 83 18.65 -5.84 2.03
CA LYS B 83 18.97 -5.04 0.85
C LYS B 83 17.75 -4.35 0.26
N ILE B 84 17.99 -3.11 -0.14
CA ILE B 84 17.05 -2.22 -0.79
C ILE B 84 17.34 -2.13 -2.28
N TYR B 85 16.29 -2.23 -3.09
CA TYR B 85 16.39 -2.16 -4.53
C TYR B 85 15.38 -1.14 -5.05
N ILE B 86 15.87 -0.01 -5.52
CA ILE B 86 15.00 1.07 -6.01
C ILE B 86 14.96 1.09 -7.53
N HIS B 87 13.80 1.26 -8.13
CA HIS B 87 13.67 1.33 -9.58
C HIS B 87 14.69 2.29 -10.20
N PRO B 88 15.51 1.79 -11.11
CA PRO B 88 16.58 2.59 -11.72
C PRO B 88 16.03 3.83 -12.42
N ARG B 89 14.80 3.77 -12.92
CA ARG B 89 14.31 4.93 -13.67
C ARG B 89 13.25 5.68 -12.90
N TYR B 90 13.19 5.41 -11.59
CA TYR B 90 12.33 6.18 -10.71
C TYR B 90 12.59 7.66 -10.90
N ASN B 91 11.57 8.46 -11.18
CA ASN B 91 11.76 9.88 -11.45
C ASN B 91 11.38 10.81 -10.32
N TRP B 92 12.23 10.95 -9.31
CA TRP B 92 11.99 11.85 -8.21
C TRP B 92 12.21 13.31 -8.62
N ARG B 93 12.83 13.52 -9.77
CA ARG B 93 13.11 14.89 -10.21
C ARG B 93 11.86 15.64 -10.65
N GLU B 94 11.02 14.98 -11.44
CA GLU B 94 9.83 15.62 -11.97
C GLU B 94 8.55 15.13 -11.31
N ASN B 95 8.09 13.92 -11.59
CA ASN B 95 6.72 13.57 -11.21
C ASN B 95 6.55 12.29 -10.41
N LEU B 96 7.62 11.72 -9.89
CA LEU B 96 7.60 10.43 -9.21
C LEU B 96 7.13 9.31 -10.14
N ASP B 97 7.42 9.44 -11.43
CA ASP B 97 7.18 8.33 -12.34
C ASP B 97 7.91 7.11 -11.80
N ARG B 98 7.29 5.94 -11.86
CA ARG B 98 7.94 4.71 -11.42
C ARG B 98 8.28 4.74 -9.93
N ASP B 99 7.29 5.18 -9.14
CA ASP B 99 7.52 5.26 -7.69
C ASP B 99 7.36 3.89 -7.06
N ILE B 100 8.46 3.15 -7.02
CA ILE B 100 8.37 1.78 -6.53
C ILE B 100 9.73 1.29 -6.07
N ALA B 101 9.70 0.52 -4.98
CA ALA B 101 10.93 -0.09 -4.48
C ALA B 101 10.67 -1.46 -3.89
N LEU B 102 11.68 -2.33 -3.97
CA LEU B 102 11.62 -3.62 -3.33
C LEU B 102 12.61 -3.69 -2.16
N MET B 103 12.21 -4.46 -1.15
CA MET B 103 13.10 -4.64 0.00
C MET B 103 13.15 -6.11 0.38
N LYS B 104 14.36 -6.65 0.37
CA LYS B 104 14.60 -8.03 0.77
C LYS B 104 14.87 -8.12 2.27
N LEU B 105 14.15 -9.01 2.92
CA LEU B 105 14.28 -9.38 4.32
C LEU B 105 15.50 -10.24 4.58
N LYS B 106 16.13 -10.05 5.74
CA LYS B 106 17.29 -10.82 6.16
C LYS B 106 16.96 -12.29 6.39
N LYS B 107 15.81 -12.55 7.02
CA LYS B 107 15.33 -13.92 7.19
C LYS B 107 13.87 -14.03 6.77
N PRO B 108 13.34 -15.23 6.55
CA PRO B 108 11.93 -15.32 6.14
C PRO B 108 11.03 -15.00 7.33
N VAL B 109 9.93 -14.31 7.06
CA VAL B 109 8.96 -14.03 8.12
C VAL B 109 7.94 -15.17 8.15
N ALA B 110 7.47 -15.53 9.36
CA ALA B 110 6.56 -16.68 9.35
C ALA B 110 5.12 -16.21 9.14
N PHE B 111 4.36 -16.93 8.31
CA PHE B 111 2.96 -16.56 8.15
C PHE B 111 2.19 -16.89 9.42
N SER B 112 1.00 -16.32 9.52
CA SER B 112 0.07 -16.50 10.62
C SER B 112 -1.29 -15.91 10.26
N ASP B 113 -2.21 -15.92 11.22
CA ASP B 113 -3.52 -15.34 11.12
C ASP B 113 -3.47 -13.87 10.73
N TYR B 114 -2.40 -13.19 11.14
CA TYR B 114 -2.29 -11.75 10.99
C TYR B 114 -1.28 -11.31 9.93
N ILE B 115 -0.55 -12.28 9.39
CA ILE B 115 0.54 -12.05 8.46
C ILE B 115 0.49 -13.00 7.27
N HIS B 116 0.24 -12.42 6.11
CA HIS B 116 0.00 -13.16 4.87
C HIS B 116 0.28 -12.28 3.66
N PRO B 117 0.83 -12.85 2.60
CA PRO B 117 1.15 -12.05 1.41
C PRO B 117 -0.01 -11.91 0.43
N VAL B 118 -0.01 -10.76 -0.25
CA VAL B 118 -1.04 -10.46 -1.24
C VAL B 118 -0.52 -10.92 -2.59
N CYS B 119 -1.38 -11.14 -3.58
CA CYS B 119 -0.91 -11.48 -4.91
C CYS B 119 -0.52 -10.24 -5.72
N LEU B 120 0.31 -10.47 -6.73
CA LEU B 120 0.58 -9.43 -7.73
C LEU B 120 -0.16 -9.78 -9.02
N PRO B 121 -0.75 -8.79 -9.66
CA PRO B 121 -1.53 -9.13 -10.85
C PRO B 121 -0.60 -9.52 -12.00
N ASP B 122 -1.19 -10.26 -12.93
CA ASP B 122 -0.63 -10.53 -14.25
C ASP B 122 -1.43 -9.71 -15.26
N ARG B 123 -1.12 -9.81 -16.55
CA ARG B 123 -1.77 -8.95 -17.53
C ARG B 123 -3.29 -8.98 -17.50
N GLU B 124 -3.84 -10.16 -17.23
CA GLU B 124 -5.28 -10.36 -17.39
C GLU B 124 -5.99 -9.89 -16.13
N THR B 125 -5.31 -10.10 -14.99
CA THR B 125 -5.83 -9.56 -13.74
C THR B 125 -5.98 -8.05 -13.88
N ALA B 126 -4.91 -7.45 -14.38
CA ALA B 126 -4.90 -6.01 -14.55
C ALA B 126 -6.04 -5.57 -15.45
N ALA B 127 -6.01 -6.10 -16.67
CA ALA B 127 -6.99 -5.72 -17.69
C ALA B 127 -8.42 -5.93 -17.20
N SER B 128 -8.66 -6.99 -16.45
CA SER B 128 -10.02 -7.26 -15.99
C SER B 128 -10.43 -6.39 -14.81
N LEU B 129 -9.51 -5.81 -14.05
CA LEU B 129 -9.85 -5.08 -12.83
C LEU B 129 -9.45 -3.60 -12.85
N LEU B 130 -8.44 -3.19 -13.62
CA LEU B 130 -8.08 -1.79 -13.72
C LEU B 130 -9.02 -1.00 -14.64
N GLN B 131 -10.27 -0.84 -14.24
CA GLN B 131 -11.34 -0.20 -14.98
C GLN B 131 -11.98 0.95 -14.20
N ALA B 132 -12.17 2.09 -14.85
CA ALA B 132 -12.80 3.24 -14.21
C ALA B 132 -14.12 2.84 -13.57
N GLY B 133 -14.27 3.14 -12.29
CA GLY B 133 -15.49 2.83 -11.56
C GLY B 133 -15.33 1.62 -10.66
N TYR B 134 -14.41 0.74 -11.03
CA TYR B 134 -14.11 -0.41 -10.17
C TYR B 134 -13.43 0.11 -8.91
N LYS B 135 -13.88 -0.37 -7.75
CA LYS B 135 -13.27 0.12 -6.51
C LYS B 135 -12.15 -0.78 -6.04
N GLY B 136 -11.11 -0.16 -5.49
CA GLY B 136 -10.02 -0.80 -4.81
C GLY B 136 -10.06 -0.39 -3.34
N ARG B 137 -9.12 -0.89 -2.57
CA ARG B 137 -9.05 -0.63 -1.13
C ARG B 137 -7.67 -0.11 -0.73
N VAL B 138 -7.65 0.97 0.05
CA VAL B 138 -6.36 1.51 0.47
C VAL B 138 -6.29 1.54 1.99
N THR B 139 -5.16 1.06 2.51
CA THR B 139 -5.07 0.94 3.96
C THR B 139 -3.86 1.65 4.50
N GLY B 140 -3.89 2.11 5.75
CA GLY B 140 -2.67 2.80 6.18
C GLY B 140 -2.81 3.40 7.57
N TRP B 141 -1.66 3.72 8.16
CA TRP B 141 -1.54 4.34 9.46
C TRP B 141 -1.27 5.83 9.35
N GLY B 142 -1.49 6.44 8.18
CA GLY B 142 -1.16 7.84 7.99
C GLY B 142 -2.16 8.82 8.58
N ASN B 143 -1.90 10.09 8.29
CA ASN B 143 -2.72 11.19 8.77
C ASN B 143 -4.22 10.95 8.59
N LEU B 144 -4.97 11.31 9.64
CA LEU B 144 -6.42 11.22 9.54
C LEU B 144 -7.02 12.36 8.73
N LYS B 145 -6.29 13.45 8.53
CA LYS B 145 -6.79 14.57 7.73
C LYS B 145 -5.61 15.36 7.17
N GLU B 146 -5.82 16.22 6.18
CA GLU B 146 -4.71 16.91 5.53
C GLU B 146 -3.93 17.84 6.46
N THR B 147 -4.62 18.55 7.36
CA THR B 147 -3.99 19.44 8.31
C THR B 147 -4.94 19.74 9.48
N GLY B 155 -5.88 13.72 14.09
CA GLY B 155 -4.43 13.60 14.03
C GLY B 155 -3.94 12.27 13.49
N GLN B 156 -3.36 11.46 14.35
CA GLN B 156 -2.91 10.12 14.01
C GLN B 156 -3.89 9.09 14.58
N PRO B 157 -4.11 8.02 13.83
CA PRO B 157 -5.12 7.03 14.22
C PRO B 157 -4.56 6.04 15.23
N SER B 158 -5.45 5.46 16.03
CA SER B 158 -4.90 4.48 16.97
C SER B 158 -4.66 3.15 16.28
N VAL B 159 -5.49 2.81 15.30
CA VAL B 159 -5.40 1.54 14.60
C VAL B 159 -5.45 1.70 13.08
N LEU B 160 -4.98 0.69 12.36
CA LEU B 160 -4.95 0.71 10.90
C LEU B 160 -6.29 1.11 10.31
N GLN B 161 -6.22 2.01 9.34
CA GLN B 161 -7.36 2.60 8.67
C GLN B 161 -7.53 2.07 7.25
N VAL B 162 -8.79 2.02 6.81
CA VAL B 162 -9.10 1.48 5.49
C VAL B 162 -10.19 2.32 4.81
N VAL B 163 -10.10 2.44 3.50
CA VAL B 163 -11.08 3.12 2.67
C VAL B 163 -11.14 2.43 1.30
N ASN B 164 -12.34 2.29 0.75
CA ASN B 164 -12.58 1.75 -0.58
C ASN B 164 -12.79 2.91 -1.55
N LEU B 165 -12.04 2.95 -2.65
CA LEU B 165 -12.10 4.09 -3.56
C LEU B 165 -12.16 3.64 -5.02
N PRO B 166 -12.99 4.32 -5.80
CA PRO B 166 -13.21 3.98 -7.21
C PRO B 166 -12.06 4.46 -8.08
N ILE B 167 -11.68 3.62 -9.05
CA ILE B 167 -10.62 4.03 -9.98
C ILE B 167 -11.20 5.09 -10.89
N VAL B 168 -10.40 6.07 -11.27
CA VAL B 168 -10.93 7.21 -12.02
C VAL B 168 -10.40 7.22 -13.44
N GLU B 169 -11.22 7.62 -14.39
CA GLU B 169 -10.84 7.78 -15.79
C GLU B 169 -9.60 8.66 -15.95
N ARG B 170 -8.69 8.23 -16.80
CA ARG B 170 -7.41 8.87 -17.08
C ARG B 170 -7.54 10.35 -17.40
N PRO B 171 -8.40 10.76 -18.32
CA PRO B 171 -8.53 12.20 -18.59
C PRO B 171 -8.99 12.95 -17.36
N VAL B 172 -9.93 12.41 -16.57
CA VAL B 172 -10.30 13.20 -15.38
C VAL B 172 -9.10 13.32 -14.45
N CYS B 173 -8.29 12.26 -14.35
CA CYS B 173 -7.08 12.33 -13.54
C CYS B 173 -6.16 13.45 -14.05
N LYS B 174 -5.91 13.48 -15.36
CA LYS B 174 -5.03 14.48 -15.96
C LYS B 174 -5.55 15.90 -15.74
N ASP B 175 -6.84 16.08 -15.98
CA ASP B 175 -7.48 17.37 -15.85
C ASP B 175 -7.61 17.84 -14.41
N SER B 176 -7.14 17.03 -13.47
CA SER B 176 -7.26 17.44 -12.07
C SER B 176 -5.96 18.09 -11.60
N THR B 177 -4.92 17.97 -12.43
CA THR B 177 -3.61 18.38 -11.95
C THR B 177 -2.74 18.97 -13.06
N ARG B 178 -1.85 19.86 -12.64
CA ARG B 178 -0.84 20.47 -13.49
C ARG B 178 0.33 19.52 -13.76
N ILE B 179 0.50 18.55 -12.87
CA ILE B 179 1.57 17.56 -12.97
C ILE B 179 1.43 16.66 -14.19
N ARG B 180 2.56 16.22 -14.75
CA ARG B 180 2.54 15.32 -15.90
C ARG B 180 2.35 13.87 -15.51
N ILE B 181 1.21 13.31 -15.82
CA ILE B 181 0.80 11.93 -15.52
C ILE B 181 1.35 10.90 -16.49
N THR B 182 1.85 9.74 -16.05
CA THR B 182 2.35 8.71 -16.95
C THR B 182 1.47 7.46 -16.96
N ASP B 183 1.85 6.53 -17.83
CA ASP B 183 1.25 5.20 -17.92
C ASP B 183 1.51 4.40 -16.65
N ASN B 184 2.56 4.77 -15.91
CA ASN B 184 2.88 4.01 -14.70
C ASN B 184 2.16 4.53 -13.47
N MET B 185 1.11 5.31 -13.64
CA MET B 185 0.25 5.76 -12.56
C MET B 185 -1.23 5.58 -12.89
N PHE B 186 -2.05 5.53 -11.84
CA PHE B 186 -3.48 5.74 -12.01
C PHE B 186 -3.97 6.60 -10.83
N CYS B 187 -5.15 7.18 -10.97
CA CYS B 187 -5.68 7.93 -9.81
C CYS B 187 -6.97 7.28 -9.33
N ALA B 188 -7.34 7.49 -8.07
CA ALA B 188 -8.58 6.93 -7.55
C ALA B 188 -9.17 7.87 -6.51
N GLY B 189 -10.49 7.85 -6.35
CA GLY B 189 -11.14 8.76 -5.41
C GLY B 189 -12.51 9.13 -5.96
N TYR B 190 -13.40 9.58 -5.06
CA TYR B 190 -14.73 9.95 -5.52
C TYR B 190 -14.71 11.37 -6.09
N LYS B 191 -15.58 11.63 -7.04
CA LYS B 191 -15.75 12.99 -7.56
C LYS B 191 -16.56 13.82 -6.60
N PRO B 192 -16.48 15.14 -6.66
CA PRO B 192 -17.33 15.98 -5.80
C PRO B 192 -18.80 15.59 -5.90
N ASP B 193 -19.27 15.28 -7.09
CA ASP B 193 -20.67 15.00 -7.37
C ASP B 193 -21.15 13.66 -6.83
N GLU B 194 -20.25 12.80 -6.41
CA GLU B 194 -20.58 11.46 -5.92
C GLU B 194 -20.91 11.46 -4.44
N GLY B 195 -20.58 12.58 -3.77
CA GLY B 195 -20.84 12.76 -2.37
C GLY B 195 -19.87 12.07 -1.45
N LYS B 196 -19.62 10.78 -1.69
CA LYS B 196 -18.76 10.04 -0.74
C LYS B 196 -17.35 10.61 -0.71
N ARG B 197 -16.60 10.28 0.32
CA ARG B 197 -15.28 10.84 0.58
C ARG B 197 -14.22 9.78 0.84
N GLY B 198 -12.97 10.24 0.90
CA GLY B 198 -11.88 9.38 1.31
C GLY B 198 -10.65 9.53 0.43
N ASP B 199 -9.48 9.42 1.06
CA ASP B 199 -8.21 9.47 0.34
C ASP B 199 -7.09 8.88 1.20
N ALA B 200 -5.93 8.64 0.59
CA ALA B 200 -4.77 8.35 1.43
C ALA B 200 -4.14 9.70 1.80
N CYS B 201 -3.19 9.71 2.72
CA CYS B 201 -2.53 10.96 3.12
C CYS B 201 -1.11 10.69 3.60
N GLU B 202 -0.39 11.73 3.99
CA GLU B 202 0.96 11.53 4.51
C GLU B 202 1.00 10.46 5.59
N GLY B 203 1.99 9.58 5.51
CA GLY B 203 2.13 8.44 6.41
C GLY B 203 1.62 7.15 5.76
N ASP B 204 0.74 7.27 4.79
CA ASP B 204 0.17 6.16 4.04
C ASP B 204 1.04 5.71 2.85
N SER B 205 1.90 6.59 2.41
CA SER B 205 2.92 6.40 1.37
C SER B 205 3.44 4.97 1.35
N GLY B 206 3.59 4.42 0.15
CA GLY B 206 4.13 3.08 -0.01
C GLY B 206 3.16 1.97 0.30
N GLY B 207 2.05 2.29 0.97
CA GLY B 207 1.08 1.23 1.22
C GLY B 207 0.39 0.77 -0.06
N PRO B 208 -0.40 -0.29 0.06
CA PRO B 208 -1.02 -0.93 -1.10
C PRO B 208 -2.44 -0.45 -1.42
N PHE B 209 -2.74 -0.46 -2.71
CA PHE B 209 -4.09 -0.34 -3.27
C PHE B 209 -4.50 -1.74 -3.74
N VAL B 210 -5.42 -2.43 -3.06
CA VAL B 210 -5.75 -3.80 -3.47
C VAL B 210 -7.18 -3.93 -3.98
N MET B 211 -7.37 -4.98 -4.78
CA MET B 211 -8.72 -5.28 -5.23
C MET B 211 -8.97 -6.79 -5.10
N LYS B 212 -10.22 -7.18 -4.85
CA LYS B 212 -10.52 -8.61 -4.75
C LYS B 212 -11.08 -9.16 -6.06
N SER B 213 -10.31 -10.01 -6.74
CA SER B 213 -10.84 -10.50 -8.01
C SER B 213 -12.12 -11.31 -7.86
N PRO B 214 -13.12 -11.06 -8.68
CA PRO B 214 -14.38 -11.83 -8.57
C PRO B 214 -14.27 -13.19 -9.25
N PHE B 215 -13.16 -13.43 -9.92
CA PHE B 215 -12.86 -14.63 -10.68
C PHE B 215 -12.24 -15.76 -9.85
N ASN B 216 -11.23 -15.45 -9.03
CA ASN B 216 -10.65 -16.45 -8.16
C ASN B 216 -10.76 -16.06 -6.70
N ASN B 217 -11.40 -14.91 -6.47
CA ASN B 217 -11.66 -14.45 -5.11
C ASN B 217 -10.39 -14.16 -4.34
N ARG B 218 -9.31 -13.85 -5.04
CA ARG B 218 -8.08 -13.49 -4.33
C ARG B 218 -7.80 -11.99 -4.42
N TRP B 219 -7.14 -11.51 -3.38
CA TRP B 219 -6.74 -10.11 -3.34
C TRP B 219 -5.42 -9.87 -4.07
N TYR B 220 -5.45 -8.89 -4.97
CA TYR B 220 -4.31 -8.46 -5.75
C TYR B 220 -3.93 -7.00 -5.48
N GLN B 221 -2.64 -6.72 -5.33
CA GLN B 221 -2.21 -5.32 -5.14
C GLN B 221 -2.03 -4.65 -6.51
N MET B 222 -2.96 -3.78 -6.87
CA MET B 222 -2.91 -3.11 -8.16
C MET B 222 -2.06 -1.84 -8.12
N GLY B 223 -1.96 -1.24 -6.92
CA GLY B 223 -1.32 0.05 -6.82
C GLY B 223 -0.49 0.24 -5.58
N ILE B 224 0.23 1.34 -5.54
CA ILE B 224 1.00 1.72 -4.36
C ILE B 224 0.75 3.19 -4.05
N VAL B 225 0.43 3.53 -2.82
CA VAL B 225 0.22 4.93 -2.51
C VAL B 225 1.44 5.75 -2.89
N SER B 226 1.29 6.72 -3.79
CA SER B 226 2.49 7.49 -4.17
C SER B 226 2.34 8.99 -3.92
N TRP B 227 1.27 9.67 -4.32
CA TRP B 227 1.24 11.13 -4.16
C TRP B 227 -0.17 11.67 -4.38
N GLY B 228 -0.30 12.96 -4.14
CA GLY B 228 -1.53 13.71 -4.30
C GLY B 228 -1.38 15.15 -3.83
N GLU B 229 -2.35 15.99 -4.20
CA GLU B 229 -2.38 17.40 -3.86
C GLU B 229 -3.32 17.60 -2.67
N GLY B 230 -2.70 17.78 -1.50
CA GLY B 230 -3.46 17.76 -0.26
C GLY B 230 -3.98 16.35 0.00
N CYS B 231 -4.99 16.25 0.85
CA CYS B 231 -5.64 14.97 1.12
C CYS B 231 -7.15 15.20 1.17
N ASP B 232 -7.89 14.34 0.51
CA ASP B 232 -9.34 14.33 0.41
C ASP B 232 -9.86 15.68 -0.05
N ARG B 233 -9.11 16.33 -0.92
CA ARG B 233 -9.53 17.61 -1.47
C ARG B 233 -10.49 17.43 -2.63
N ASP B 234 -11.60 18.18 -2.57
CA ASP B 234 -12.58 18.19 -3.64
C ASP B 234 -11.88 18.42 -4.98
N GLY B 235 -12.18 17.58 -5.95
CA GLY B 235 -11.71 17.69 -7.31
C GLY B 235 -10.25 17.28 -7.48
N LYS B 236 -9.68 16.67 -6.45
CA LYS B 236 -8.33 16.13 -6.46
C LYS B 236 -8.35 14.62 -6.21
N TYR B 237 -7.38 13.90 -6.78
CA TYR B 237 -7.41 12.44 -6.64
C TYR B 237 -6.10 11.88 -6.13
N GLY B 238 -6.13 10.68 -5.55
CA GLY B 238 -4.85 10.12 -5.09
C GLY B 238 -4.19 9.45 -6.28
N PHE B 239 -2.87 9.55 -6.40
CA PHE B 239 -2.18 8.88 -7.50
C PHE B 239 -1.41 7.69 -6.96
N TYR B 240 -1.49 6.60 -7.71
CA TYR B 240 -0.92 5.33 -7.32
C TYR B 240 0.03 4.79 -8.39
N THR B 241 1.10 4.15 -7.92
CA THR B 241 1.99 3.44 -8.82
C THR B 241 1.26 2.28 -9.49
N HIS B 242 1.25 2.24 -10.82
CA HIS B 242 0.68 1.09 -11.53
C HIS B 242 1.55 -0.16 -11.36
N VAL B 243 1.13 -1.05 -10.46
CA VAL B 243 2.01 -2.16 -10.14
C VAL B 243 2.19 -3.09 -11.34
N PHE B 244 1.13 -3.38 -12.08
CA PHE B 244 1.34 -4.31 -13.19
C PHE B 244 2.31 -3.72 -14.22
N ARG B 245 2.27 -2.40 -14.45
CA ARG B 245 3.07 -1.78 -15.49
C ARG B 245 4.58 -1.92 -15.21
N LEU B 246 4.89 -2.21 -13.96
CA LEU B 246 6.27 -2.33 -13.53
C LEU B 246 6.56 -3.76 -13.08
N LYS B 247 5.67 -4.67 -13.42
CA LYS B 247 5.87 -6.07 -13.05
C LYS B 247 7.18 -6.64 -13.57
N LYS B 248 7.52 -6.32 -14.82
CA LYS B 248 8.74 -6.88 -15.41
C LYS B 248 9.95 -6.59 -14.54
N TRP B 249 9.94 -5.42 -13.90
CA TRP B 249 11.08 -5.05 -13.06
C TRP B 249 11.06 -5.78 -11.73
N ILE B 250 9.86 -6.05 -11.22
CA ILE B 250 9.77 -6.77 -9.95
C ILE B 250 10.28 -8.19 -10.11
N GLN B 251 9.99 -8.80 -11.25
CA GLN B 251 10.39 -10.17 -11.54
C GLN B 251 11.90 -10.27 -11.74
N LYS B 252 12.40 -9.30 -12.50
CA LYS B 252 13.83 -9.17 -12.73
C LYS B 252 14.57 -9.17 -11.41
N VAL B 253 14.21 -8.22 -10.54
CA VAL B 253 14.91 -8.14 -9.26
C VAL B 253 14.72 -9.43 -8.47
N ILE B 254 13.49 -9.93 -8.42
CA ILE B 254 13.29 -11.17 -7.67
C ILE B 254 14.12 -12.29 -8.30
N ASP B 255 14.07 -12.35 -9.63
CA ASP B 255 14.79 -13.37 -10.35
C ASP B 255 16.28 -13.38 -10.04
N GLN B 256 16.93 -12.21 -10.06
CA GLN B 256 18.38 -12.24 -9.92
C GLN B 256 18.87 -12.03 -8.51
N PHE B 257 18.02 -11.73 -7.51
CA PHE B 257 18.65 -11.64 -6.18
C PHE B 257 17.95 -12.53 -5.15
N ASP C 3 2.88 8.67 19.99
CA ASP C 3 4.13 8.29 20.64
C ASP C 3 4.37 6.78 20.60
N PHE C 4 5.56 6.37 20.16
CA PHE C 4 5.77 4.96 19.91
C PHE C 4 6.32 4.21 21.12
N GLU C 5 5.69 3.07 21.38
CA GLU C 5 6.11 2.15 22.43
C GLU C 5 7.46 1.53 22.07
N GLU C 6 8.31 1.40 23.09
CA GLU C 6 9.61 0.78 22.88
C GLU C 6 9.42 -0.63 22.34
N ILE C 7 10.26 -1.01 21.38
CA ILE C 7 10.20 -2.38 20.87
C ILE C 7 11.29 -3.19 21.57
N PRO C 8 11.25 -4.52 21.55
CA PRO C 8 12.30 -5.28 22.25
C PRO C 8 13.69 -4.92 21.75
N GLU C 9 14.69 -5.06 22.61
CA GLU C 9 16.05 -4.70 22.29
C GLU C 9 16.66 -5.48 21.15
N GLU C 10 16.37 -6.77 21.01
CA GLU C 10 16.97 -7.55 19.93
C GLU C 10 16.68 -6.96 18.56
N LEU C 12 17.10 -4.06 17.92
CA LEU C 12 17.98 -2.90 17.94
C LEU C 12 17.16 -1.62 17.75
#